data_4RWW
#
_entry.id   4RWW
#
_cell.length_a   51.108
_cell.length_b   51.788
_cell.length_c   52.996
_cell.angle_alpha   110.80
_cell.angle_beta   105.59
_cell.angle_gamma   109.84
#
_symmetry.space_group_name_H-M   'P 1'
#
loop_
_entity.id
_entity.type
_entity.pdbx_description
1 polymer 'Lmo2692 protein'
2 non-polymer "(2R,3R,3aS,5R,7aR,9R,10R,10aS,12R,14aR)-2,9-bis(6-amino-9H-purin-9-yl)octahydro-2H,7H-difuro[3,2-d:3',2'-j][1,3,7,9,2,8 ]tetraoxadiphosphacyclododecine-3,5,10,12-tetrol 5,12-dioxide"
3 water water
#
_entity_poly.entity_id   1
_entity_poly.type   'polypeptide(L)'
_entity_poly.pdbx_seq_one_letter_code
;MKLIFAIVQDQDSNRLSDALTKGNFGATKLATTGGFLKAGNTTFIIGTEDERVEDALAIIKENCKAREQMMTPSASLGVT
VDTYVPYPIEVQVGGATVFVMPVESFHHFLEHH
;
_entity_poly.pdbx_strand_id   A,B,C
#
# COMPACT_ATOMS: atom_id res chain seq x y z
N MET A 1 -10.91 12.97 -11.48
CA MET A 1 -9.53 12.52 -11.11
C MET A 1 -9.55 10.99 -10.95
N LYS A 2 -8.40 10.36 -11.21
CA LYS A 2 -8.22 8.97 -11.03
C LYS A 2 -6.98 8.72 -10.20
N LEU A 3 -6.96 7.55 -9.55
CA LEU A 3 -5.81 7.10 -8.78
C LEU A 3 -5.33 5.78 -9.32
N ILE A 4 -4.14 5.78 -9.87
CA ILE A 4 -3.59 4.62 -10.59
C ILE A 4 -2.72 3.85 -9.60
N PHE A 5 -2.90 2.53 -9.51
CA PHE A 5 -2.03 1.67 -8.75
C PHE A 5 -1.31 0.80 -9.79
N ALA A 6 0.00 0.92 -9.84
CA ALA A 6 0.79 0.16 -10.82
C ALA A 6 1.86 -0.67 -10.10
N ILE A 7 1.88 -1.98 -10.38
CA ILE A 7 2.85 -2.88 -9.79
C ILE A 7 3.87 -3.18 -10.87
N VAL A 8 5.11 -2.83 -10.60
CA VAL A 8 6.18 -2.87 -11.59
C VAL A 8 7.39 -3.57 -10.99
N GLN A 9 8.33 -3.93 -11.86
CA GLN A 9 9.53 -4.59 -11.43
C GLN A 9 10.51 -3.56 -10.86
N ASP A 10 11.27 -4.00 -9.86
CA ASP A 10 12.29 -3.16 -9.23
C ASP A 10 13.27 -2.55 -10.23
N GLN A 11 13.60 -3.34 -11.24
CA GLN A 11 14.57 -2.88 -12.29
C GLN A 11 14.10 -1.64 -13.05
N ASP A 12 12.77 -1.44 -13.10
CA ASP A 12 12.17 -0.30 -13.82
C ASP A 12 11.74 0.88 -12.90
N SER A 13 11.89 0.69 -11.60
CA SER A 13 11.31 1.62 -10.63
C SER A 13 11.95 3.02 -10.76
N ASN A 14 13.28 3.08 -10.78
CA ASN A 14 13.92 4.39 -10.88
C ASN A 14 13.64 5.09 -12.21
N ARG A 15 13.65 4.34 -13.30
CA ARG A 15 13.40 4.86 -14.63
C ARG A 15 11.95 5.38 -14.72
N LEU A 16 11.02 4.64 -14.14
CA LEU A 16 9.61 5.08 -14.17
C LEU A 16 9.41 6.35 -13.34
N SER A 17 9.99 6.40 -12.14
N SER A 17 10.02 6.39 -12.17
CA SER A 17 9.88 7.57 -11.28
CA SER A 17 9.88 7.54 -11.31
C SER A 17 10.43 8.79 -12.02
C SER A 17 10.43 8.79 -12.00
N ASP A 18 11.61 8.66 -12.62
CA ASP A 18 12.21 9.78 -13.38
C ASP A 18 11.32 10.23 -14.53
N ALA A 19 10.72 9.27 -15.24
CA ALA A 19 9.87 9.60 -16.38
C ALA A 19 8.58 10.27 -15.94
N LEU A 20 8.01 9.82 -14.82
CA LEU A 20 6.83 10.48 -14.32
C LEU A 20 7.13 11.93 -13.95
N THR A 21 8.17 12.16 -13.17
CA THR A 21 8.57 13.52 -12.81
C THR A 21 8.81 14.39 -14.04
N LYS A 22 9.54 13.89 -15.02
CA LYS A 22 9.79 14.64 -16.26
C LYS A 22 8.49 15.00 -16.96
N GLY A 23 7.50 14.13 -16.85
CA GLY A 23 6.18 14.35 -17.39
C GLY A 23 5.19 15.11 -16.51
N ASN A 24 5.67 15.56 -15.35
CA ASN A 24 4.92 16.35 -14.41
C ASN A 24 3.76 15.56 -13.86
N PHE A 25 4.00 14.27 -13.61
CA PHE A 25 3.04 13.46 -12.83
C PHE A 25 3.59 13.27 -11.43
N GLY A 26 2.75 13.50 -10.43
CA GLY A 26 3.11 13.18 -9.06
C GLY A 26 2.95 11.69 -8.83
N ALA A 27 3.59 11.22 -7.78
CA ALA A 27 3.67 9.76 -7.56
C ALA A 27 4.17 9.53 -6.17
N THR A 28 3.69 8.44 -5.60
CA THR A 28 4.20 7.94 -4.34
C THR A 28 4.48 6.45 -4.59
N LYS A 29 5.59 5.93 -4.07
CA LYS A 29 5.80 4.50 -4.22
C LYS A 29 6.19 3.77 -2.98
N LEU A 30 6.09 2.46 -3.06
CA LEU A 30 6.51 1.62 -1.98
C LEU A 30 6.98 0.27 -2.46
N ALA A 31 7.92 -0.30 -1.70
CA ALA A 31 8.40 -1.65 -1.94
C ALA A 31 7.34 -2.65 -1.52
N THR A 32 7.09 -3.60 -2.41
CA THR A 32 6.06 -4.62 -2.18
C THR A 32 6.66 -5.95 -2.56
N THR A 33 5.91 -7.03 -2.37
CA THR A 33 6.32 -8.34 -2.90
C THR A 33 5.14 -8.96 -3.63
N GLY A 34 5.46 -9.82 -4.60
CA GLY A 34 4.43 -10.52 -5.36
C GLY A 34 3.96 -11.75 -4.67
N GLY A 35 2.66 -12.01 -4.80
CA GLY A 35 2.10 -13.16 -4.15
C GLY A 35 2.58 -14.47 -4.76
N PHE A 36 2.95 -14.49 -6.03
CA PHE A 36 3.42 -15.77 -6.66
C PHE A 36 4.91 -16.02 -6.49
N LEU A 37 5.76 -15.07 -6.87
CA LEU A 37 7.20 -15.32 -6.80
C LEU A 37 7.78 -14.99 -5.44
N LYS A 38 7.01 -14.28 -4.60
CA LYS A 38 7.44 -13.93 -3.28
C LYS A 38 8.74 -13.16 -3.31
N ALA A 39 8.87 -12.32 -4.32
CA ALA A 39 10.06 -11.54 -4.48
C ALA A 39 9.74 -10.06 -4.50
N GLY A 40 10.75 -9.25 -4.29
CA GLY A 40 10.52 -7.79 -4.25
C GLY A 40 10.03 -7.21 -5.56
N ASN A 41 9.04 -6.31 -5.48
CA ASN A 41 8.67 -5.48 -6.60
C ASN A 41 8.26 -4.12 -6.05
N THR A 42 7.74 -3.25 -6.89
CA THR A 42 7.42 -1.89 -6.45
C THR A 42 6.01 -1.55 -6.87
N THR A 43 5.29 -0.90 -5.98
CA THR A 43 3.93 -0.42 -6.28
C THR A 43 3.89 1.10 -6.28
N PHE A 44 3.42 1.67 -7.39
CA PHE A 44 3.29 3.12 -7.57
C PHE A 44 1.84 3.50 -7.36
N ILE A 45 1.63 4.63 -6.70
CA ILE A 45 0.32 5.27 -6.58
C ILE A 45 0.43 6.62 -7.25
N ILE A 46 -0.34 6.82 -8.31
CA ILE A 46 -0.19 7.99 -9.19
C ILE A 46 -1.56 8.63 -9.34
N GLY A 47 -1.77 9.78 -8.73
CA GLY A 47 -3.06 10.50 -8.88
C GLY A 47 -2.96 11.43 -10.09
N THR A 48 -4.04 11.52 -10.87
CA THR A 48 -3.97 12.27 -12.13
C THR A 48 -5.37 12.75 -12.46
N GLU A 49 -5.43 13.93 -13.06
CA GLU A 49 -6.70 14.40 -13.61
C GLU A 49 -7.14 13.50 -14.79
N ASP A 50 -8.44 13.43 -15.03
CA ASP A 50 -9.00 12.55 -16.08
C ASP A 50 -8.34 12.78 -17.47
N GLU A 51 -8.12 14.04 -17.83
CA GLU A 51 -7.46 14.41 -19.08
C GLU A 51 -6.12 13.76 -19.29
N ARG A 52 -5.41 13.44 -18.18
CA ARG A 52 -4.01 13.05 -18.20
C ARG A 52 -3.79 11.54 -18.05
N VAL A 53 -4.86 10.82 -17.85
CA VAL A 53 -4.76 9.38 -17.55
C VAL A 53 -4.06 8.63 -18.67
N GLU A 54 -4.43 8.89 -19.93
CA GLU A 54 -3.78 8.17 -21.02
C GLU A 54 -2.32 8.53 -21.17
N ASP A 55 -1.93 9.78 -20.84
CA ASP A 55 -0.53 10.12 -20.83
C ASP A 55 0.25 9.35 -19.72
N ALA A 56 -0.34 9.21 -18.54
CA ALA A 56 0.31 8.50 -17.43
C ALA A 56 0.49 7.05 -17.79
N LEU A 57 -0.55 6.45 -18.37
CA LEU A 57 -0.46 5.05 -18.82
C LEU A 57 0.56 4.86 -19.89
N ALA A 58 0.69 5.82 -20.81
CA ALA A 58 1.73 5.73 -21.80
C ALA A 58 3.13 5.74 -21.22
N ILE A 59 3.36 6.58 -20.22
CA ILE A 59 4.63 6.66 -19.58
C ILE A 59 4.95 5.32 -18.89
N ILE A 60 3.93 4.75 -18.22
CA ILE A 60 4.11 3.45 -17.56
C ILE A 60 4.44 2.39 -18.60
N LYS A 61 3.67 2.36 -19.68
CA LYS A 61 3.88 1.35 -20.75
C LYS A 61 5.29 1.48 -21.33
N GLU A 62 5.75 2.71 -21.56
CA GLU A 62 7.05 2.96 -22.19
C GLU A 62 8.25 2.59 -21.33
N ASN A 63 8.09 2.69 -20.01
CA ASN A 63 9.21 2.57 -19.11
C ASN A 63 9.29 1.26 -18.31
N CYS A 64 8.29 0.40 -18.45
CA CYS A 64 8.17 -0.84 -17.66
C CYS A 64 8.07 -2.01 -18.62
N LYS A 65 9.10 -2.86 -18.61
CA LYS A 65 9.29 -3.89 -19.64
C LYS A 65 9.04 -5.28 -19.04
N ALA A 66 8.44 -6.15 -19.83
CA ALA A 66 8.22 -7.54 -19.46
C ALA A 66 9.55 -8.26 -19.47
N ARG A 67 9.75 -9.11 -18.48
CA ARG A 67 10.96 -9.95 -18.39
C ARG A 67 10.62 -11.34 -17.92
N GLU A 68 11.49 -12.30 -18.22
CA GLU A 68 11.46 -13.53 -17.47
C GLU A 68 12.26 -13.45 -16.18
N GLN A 69 11.69 -14.00 -15.10
CA GLN A 69 12.31 -13.98 -13.79
C GLN A 69 12.44 -15.40 -13.27
N MET A 70 13.56 -15.74 -12.62
CA MET A 70 13.71 -17.08 -12.09
C MET A 70 12.84 -17.29 -10.87
N MET A 71 12.20 -18.44 -10.84
CA MET A 71 11.50 -18.90 -9.64
C MET A 71 12.55 -19.36 -8.65
N THR A 72 12.41 -19.00 -7.38
CA THR A 72 13.38 -19.46 -6.37
C THR A 72 13.38 -20.97 -6.38
N PRO A 73 14.58 -21.59 -6.52
CA PRO A 73 14.63 -23.04 -6.65
C PRO A 73 14.20 -23.76 -5.38
N SER A 74 13.98 -25.07 -5.49
CA SER A 74 13.45 -25.86 -4.38
C SER A 74 14.42 -25.85 -3.21
N ALA A 75 13.90 -25.55 -2.03
CA ALA A 75 14.74 -25.58 -0.82
C ALA A 75 14.79 -26.98 -0.17
N SER A 76 14.35 -28.00 -0.89
CA SER A 76 14.27 -29.36 -0.35
C SER A 76 15.66 -29.98 -0.07
N LEU A 77 15.78 -30.62 1.11
CA LEU A 77 17.06 -31.03 1.65
C LEU A 77 17.53 -32.26 0.89
N GLY A 78 18.72 -32.17 0.34
CA GLY A 78 19.34 -33.38 -0.10
C GLY A 78 20.37 -33.87 0.88
N VAL A 79 20.98 -34.98 0.51
CA VAL A 79 22.07 -35.57 1.28
C VAL A 79 23.45 -35.28 0.68
N THR A 80 23.53 -35.18 -0.66
CA THR A 80 24.80 -34.93 -1.26
C THR A 80 25.44 -33.65 -0.67
N VAL A 81 26.73 -33.71 -0.44
CA VAL A 81 27.49 -32.55 -0.01
C VAL A 81 27.82 -31.71 -1.25
N ASP A 82 26.94 -30.78 -1.52
CA ASP A 82 27.05 -29.90 -2.69
C ASP A 82 26.18 -28.69 -2.62
N THR A 83 26.50 -27.75 -3.52
CA THR A 83 25.55 -26.76 -3.96
C THR A 83 24.93 -27.19 -5.29
N TYR A 84 23.66 -27.51 -5.25
CA TYR A 84 22.95 -28.08 -6.39
C TYR A 84 22.20 -27.00 -7.17
N VAL A 85 22.43 -26.95 -8.49
CA VAL A 85 21.88 -25.95 -9.35
C VAL A 85 21.08 -26.61 -10.44
N PRO A 86 19.77 -26.71 -10.24
CA PRO A 86 18.96 -27.41 -11.20
C PRO A 86 18.68 -26.56 -12.41
N TYR A 87 18.00 -27.13 -13.39
CA TYR A 87 17.55 -26.35 -14.56
C TYR A 87 16.82 -25.12 -14.03
N PRO A 88 17.12 -23.96 -14.60
CA PRO A 88 16.35 -22.76 -14.19
C PRO A 88 14.87 -22.88 -14.59
N ILE A 89 13.99 -22.38 -13.73
CA ILE A 89 12.57 -22.28 -14.03
C ILE A 89 12.25 -20.79 -14.24
N GLU A 90 11.97 -20.42 -15.47
CA GLU A 90 11.80 -19.02 -15.84
C GLU A 90 10.30 -18.74 -15.86
N VAL A 91 9.90 -17.62 -15.27
CA VAL A 91 8.49 -17.25 -15.18
C VAL A 91 8.29 -15.88 -15.84
N GLN A 92 7.27 -15.78 -16.69
CA GLN A 92 6.95 -14.51 -17.31
C GLN A 92 6.43 -13.53 -16.26
N VAL A 93 7.03 -12.35 -16.28
CA VAL A 93 6.57 -11.22 -15.45
C VAL A 93 6.29 -10.06 -16.39
N GLY A 94 5.10 -9.47 -16.30
CA GLY A 94 4.71 -8.34 -17.17
C GLY A 94 5.47 -7.07 -16.79
N GLY A 95 5.41 -6.08 -17.66
CA GLY A 95 5.97 -4.79 -17.34
C GLY A 95 5.27 -4.11 -16.19
N ALA A 96 3.97 -4.07 -16.27
CA ALA A 96 3.19 -3.46 -15.21
C ALA A 96 1.80 -4.06 -15.16
N THR A 97 1.29 -4.17 -13.95
CA THR A 97 -0.11 -4.51 -13.70
C THR A 97 -0.74 -3.28 -13.11
N VAL A 98 -1.80 -2.78 -13.73
CA VAL A 98 -2.23 -1.40 -13.48
C VAL A 98 -3.73 -1.40 -13.26
N PHE A 99 -4.15 -0.81 -12.16
CA PHE A 99 -5.54 -0.62 -11.79
C PHE A 99 -5.80 0.91 -11.75
N VAL A 100 -6.76 1.37 -12.54
CA VAL A 100 -7.15 2.77 -12.53
C VAL A 100 -8.46 2.91 -11.78
N MET A 101 -8.40 3.68 -10.70
CA MET A 101 -9.53 3.76 -9.75
C MET A 101 -10.15 5.14 -9.74
N PRO A 102 -11.45 5.19 -9.59
CA PRO A 102 -12.14 6.47 -9.61
C PRO A 102 -11.93 7.17 -8.26
N VAL A 103 -11.70 8.46 -8.26
CA VAL A 103 -11.56 9.25 -7.04
C VAL A 103 -12.86 10.03 -6.83
N GLU A 104 -13.42 9.96 -5.64
CA GLU A 104 -14.62 10.71 -5.31
C GLU A 104 -14.32 12.18 -4.98
N SER A 105 -13.30 12.44 -4.17
CA SER A 105 -12.86 13.79 -3.89
C SER A 105 -11.40 13.84 -3.60
N PHE A 106 -10.85 15.04 -3.73
CA PHE A 106 -9.41 15.30 -3.62
C PHE A 106 -9.19 16.51 -2.75
N HIS A 107 -8.19 16.43 -1.89
CA HIS A 107 -7.80 17.54 -1.02
C HIS A 107 -6.30 17.65 -0.91
N HIS A 108 -5.82 18.90 -0.90
CA HIS A 108 -4.45 19.18 -0.66
C HIS A 108 -4.35 20.21 0.44
N PHE A 109 -3.99 19.74 1.62
CA PHE A 109 -4.02 20.55 2.83
C PHE A 109 -2.66 21.20 3.06
N LEU A 110 -2.71 22.52 3.27
CA LEU A 110 -1.51 23.34 3.31
C LEU A 110 -1.49 24.22 4.53
N GLU A 111 -2.09 23.76 5.62
CA GLU A 111 -2.15 24.55 6.86
C GLU A 111 -0.75 24.70 7.45
N HIS A 112 -0.46 25.88 7.98
CA HIS A 112 0.77 26.07 8.79
C HIS A 112 0.36 26.11 10.26
N HIS A 113 1.31 26.41 11.14
CA HIS A 113 0.93 27.04 12.40
C HIS A 113 0.18 28.32 12.07
N MET B 1 -14.80 -5.02 -12.43
CA MET B 1 -13.59 -5.49 -11.70
C MET B 1 -13.50 -4.75 -10.38
N LYS B 2 -12.87 -5.38 -9.41
CA LYS B 2 -12.70 -4.85 -8.07
C LYS B 2 -11.26 -4.99 -7.60
N LEU B 3 -10.86 -4.11 -6.70
CA LEU B 3 -9.55 -4.14 -6.06
C LEU B 3 -9.78 -4.27 -4.56
N ILE B 4 -9.36 -5.39 -4.03
CA ILE B 4 -9.56 -5.72 -2.64
C ILE B 4 -8.30 -5.37 -1.82
N PHE B 5 -8.50 -4.57 -0.79
CA PHE B 5 -7.41 -4.32 0.20
C PHE B 5 -7.76 -5.08 1.50
N ALA B 6 -6.90 -6.02 1.89
CA ALA B 6 -7.21 -6.87 3.04
C ALA B 6 -6.04 -6.70 4.04
N ILE B 7 -6.33 -6.17 5.22
CA ILE B 7 -5.33 -5.94 6.26
C ILE B 7 -5.43 -7.11 7.26
N VAL B 8 -4.37 -7.89 7.33
CA VAL B 8 -4.34 -9.13 8.10
C VAL B 8 -3.12 -9.12 9.02
N GLN B 9 -3.12 -10.07 9.93
CA GLN B 9 -2.03 -10.23 10.86
C GLN B 9 -0.85 -10.98 10.18
N ASP B 10 0.36 -10.59 10.54
CA ASP B 10 1.58 -11.20 9.99
C ASP B 10 1.55 -12.76 10.11
N GLN B 11 1.03 -13.28 11.22
CA GLN B 11 0.98 -14.77 11.41
C GLN B 11 0.19 -15.50 10.33
N ASP B 12 -0.77 -14.82 9.69
CA ASP B 12 -1.63 -15.46 8.68
C ASP B 12 -1.18 -15.17 7.24
N SER B 13 -0.15 -14.34 7.12
N SER B 13 -0.17 -14.34 7.07
CA SER B 13 0.22 -13.77 5.81
CA SER B 13 0.09 -13.81 5.72
C SER B 13 0.58 -14.87 4.82
C SER B 13 0.62 -14.88 4.75
N ASN B 14 1.46 -15.77 5.24
CA ASN B 14 1.93 -16.77 4.29
CA ASN B 14 1.96 -16.83 4.37
C ASN B 14 0.85 -17.77 3.91
N ARG B 15 0.04 -18.20 4.88
CA ARG B 15 -1.04 -19.09 4.62
C ARG B 15 -2.08 -18.49 3.67
N LEU B 16 -2.43 -17.23 3.87
CA LEU B 16 -3.34 -16.52 2.97
C LEU B 16 -2.76 -16.44 1.55
N SER B 17 -1.51 -15.99 1.47
CA SER B 17 -0.85 -15.85 0.18
C SER B 17 -0.90 -17.17 -0.59
N ASP B 18 -0.53 -18.24 0.08
CA ASP B 18 -0.57 -19.57 -0.56
C ASP B 18 -1.98 -19.97 -0.97
N ALA B 19 -2.98 -19.69 -0.12
CA ALA B 19 -4.36 -19.99 -0.49
C ALA B 19 -4.88 -19.17 -1.67
N LEU B 20 -4.47 -17.90 -1.77
CA LEU B 20 -4.89 -17.06 -2.90
C LEU B 20 -4.30 -17.61 -4.21
N THR B 21 -3.05 -18.02 -4.12
CA THR B 21 -2.35 -18.60 -5.28
C THR B 21 -2.97 -19.93 -5.71
N LYS B 22 -3.26 -20.80 -4.72
CA LYS B 22 -4.01 -22.01 -4.99
C LYS B 22 -5.36 -21.78 -5.62
N GLY B 23 -6.03 -20.70 -5.21
CA GLY B 23 -7.30 -20.29 -5.80
C GLY B 23 -7.20 -19.52 -7.10
N ASN B 24 -5.98 -19.37 -7.63
CA ASN B 24 -5.75 -18.65 -8.88
C ASN B 24 -6.15 -17.20 -8.83
N PHE B 25 -5.81 -16.56 -7.71
CA PHE B 25 -5.91 -15.12 -7.54
C PHE B 25 -4.52 -14.49 -7.60
N GLY B 26 -4.35 -13.42 -8.37
CA GLY B 26 -3.13 -12.64 -8.24
C GLY B 26 -3.23 -11.70 -7.05
N ALA B 27 -2.09 -11.34 -6.53
CA ALA B 27 -2.01 -10.57 -5.29
C ALA B 27 -0.66 -9.93 -5.15
N THR B 28 -0.67 -8.80 -4.44
CA THR B 28 0.54 -8.10 -4.05
C THR B 28 0.48 -7.86 -2.56
N LYS B 29 1.62 -8.10 -1.89
CA LYS B 29 1.72 -7.95 -0.44
C LYS B 29 2.46 -6.70 -0.03
N LEU B 30 1.93 -5.98 0.95
CA LEU B 30 2.52 -4.74 1.45
C LEU B 30 2.76 -4.90 2.94
N ALA B 31 3.93 -4.51 3.39
CA ALA B 31 4.19 -4.44 4.79
C ALA B 31 3.65 -3.13 5.32
N THR B 32 2.77 -3.24 6.30
CA THR B 32 2.11 -2.08 6.84
C THR B 32 2.20 -2.08 8.38
N THR B 33 1.72 -0.99 8.98
CA THR B 33 1.55 -0.91 10.42
C THR B 33 0.17 -0.33 10.74
N GLY B 34 -0.39 -0.78 11.85
CA GLY B 34 -1.66 -0.29 12.31
C GLY B 34 -1.58 1.01 13.04
N GLY B 35 -2.62 1.81 12.89
CA GLY B 35 -2.72 3.08 13.60
C GLY B 35 -2.75 2.97 15.10
N PHE B 36 -3.36 1.89 15.61
CA PHE B 36 -3.58 1.77 17.07
C PHE B 36 -2.44 1.09 17.76
N LEU B 37 -2.05 -0.09 17.30
CA LEU B 37 -0.92 -0.82 17.92
C LEU B 37 0.42 -0.35 17.47
N LYS B 38 0.48 0.33 16.32
CA LYS B 38 1.75 0.83 15.78
C LYS B 38 2.75 -0.30 15.64
N ALA B 39 2.26 -1.47 15.22
CA ALA B 39 3.08 -2.65 15.01
C ALA B 39 2.83 -3.19 13.62
N GLY B 40 3.71 -4.06 13.19
CA GLY B 40 3.63 -4.60 11.83
C GLY B 40 2.41 -5.45 11.60
N ASN B 41 1.79 -5.23 10.48
CA ASN B 41 0.80 -6.13 9.92
C ASN B 41 0.97 -6.13 8.40
N THR B 42 0.09 -6.82 7.72
CA THR B 42 0.24 -7.06 6.29
C THR B 42 -1.01 -6.66 5.56
N THR B 43 -0.84 -5.96 4.48
CA THR B 43 -1.93 -5.59 3.61
C THR B 43 -1.78 -6.29 2.25
N PHE B 44 -2.81 -6.99 1.81
CA PHE B 44 -2.81 -7.58 0.50
C PHE B 44 -3.66 -6.74 -0.39
N ILE B 45 -3.20 -6.55 -1.62
CA ILE B 45 -3.99 -5.97 -2.70
C ILE B 45 -4.27 -7.08 -3.71
N ILE B 46 -5.56 -7.35 -3.95
CA ILE B 46 -6.03 -8.45 -4.79
C ILE B 46 -7.00 -7.87 -5.81
N GLY B 47 -6.60 -7.80 -7.07
CA GLY B 47 -7.51 -7.36 -8.14
C GLY B 47 -8.20 -8.56 -8.75
N THR B 48 -9.51 -8.47 -8.99
CA THR B 48 -10.20 -9.62 -9.57
C THR B 48 -11.50 -9.19 -10.23
N GLU B 49 -12.10 -10.11 -10.98
CA GLU B 49 -13.41 -9.83 -11.58
C GLU B 49 -14.50 -9.77 -10.53
N ASP B 50 -15.57 -9.05 -10.84
CA ASP B 50 -16.68 -8.93 -9.91
C ASP B 50 -17.16 -10.27 -9.39
N GLU B 51 -17.35 -11.22 -10.33
CA GLU B 51 -17.92 -12.51 -9.98
C GLU B 51 -17.06 -13.37 -9.08
N ARG B 52 -15.77 -12.99 -8.89
CA ARG B 52 -14.86 -13.77 -8.10
C ARG B 52 -14.58 -13.14 -6.72
N VAL B 53 -15.16 -11.98 -6.47
CA VAL B 53 -14.92 -11.27 -5.19
C VAL B 53 -15.33 -12.08 -3.99
N GLU B 54 -16.53 -12.67 -4.01
CA GLU B 54 -16.97 -13.48 -2.86
C GLU B 54 -16.07 -14.71 -2.67
N ASP B 55 -15.50 -15.26 -3.75
CA ASP B 55 -14.55 -16.35 -3.56
C ASP B 55 -13.27 -15.87 -2.84
N ALA B 56 -12.76 -14.69 -3.25
CA ALA B 56 -11.57 -14.16 -2.62
C ALA B 56 -11.81 -13.90 -1.13
N LEU B 57 -12.98 -13.33 -0.84
CA LEU B 57 -13.36 -13.04 0.54
C LEU B 57 -13.46 -14.31 1.37
N ALA B 58 -13.90 -15.41 0.75
CA ALA B 58 -14.00 -16.63 1.46
C ALA B 58 -12.66 -17.20 1.78
N ILE B 59 -11.70 -17.07 0.86
CA ILE B 59 -10.35 -17.43 1.14
C ILE B 59 -9.74 -16.62 2.28
N ILE B 60 -9.98 -15.31 2.28
CA ILE B 60 -9.51 -14.47 3.36
C ILE B 60 -10.10 -14.94 4.70
N LYS B 61 -11.42 -15.07 4.75
CA LYS B 61 -12.12 -15.48 5.97
C LYS B 61 -11.58 -16.81 6.51
N GLU B 62 -11.32 -17.75 5.61
N GLU B 62 -11.36 -17.78 5.62
CA GLU B 62 -10.95 -19.11 6.00
CA GLU B 62 -10.93 -19.10 6.05
C GLU B 62 -9.46 -19.23 6.39
C GLU B 62 -9.50 -19.11 6.59
N ASN B 63 -8.65 -18.22 6.08
CA ASN B 63 -7.25 -18.30 6.35
C ASN B 63 -6.74 -17.29 7.42
N CYS B 64 -7.64 -16.47 7.94
CA CYS B 64 -7.25 -15.44 8.86
C CYS B 64 -8.05 -15.70 10.15
N LYS B 65 -7.39 -15.50 11.28
CA LYS B 65 -7.97 -15.82 12.59
C LYS B 65 -7.89 -14.56 13.47
N ALA B 66 -8.98 -14.24 14.14
CA ALA B 66 -8.95 -13.24 15.20
C ALA B 66 -8.09 -13.76 16.38
N ARG B 67 -7.34 -12.83 16.98
CA ARG B 67 -6.42 -13.16 18.11
C ARG B 67 -6.38 -12.00 19.09
N GLU B 68 -5.90 -12.29 20.29
CA GLU B 68 -5.40 -11.29 21.17
C GLU B 68 -3.95 -11.05 20.89
N GLN B 69 -3.59 -9.78 20.75
CA GLN B 69 -2.19 -9.37 20.50
C GLN B 69 -1.66 -8.51 21.62
N MET B 70 -0.40 -8.72 22.04
CA MET B 70 0.19 -7.80 23.05
C MET B 70 0.67 -6.46 22.48
N MET B 71 0.30 -5.37 23.15
CA MET B 71 0.76 -4.05 22.77
C MET B 71 2.09 -3.69 23.43
N THR B 72 2.98 -3.06 22.66
CA THR B 72 4.26 -2.53 23.22
C THR B 72 3.98 -1.70 24.51
N PRO B 73 4.71 -2.00 25.61
CA PRO B 73 4.32 -1.37 26.90
C PRO B 73 4.79 0.09 27.08
N THR B 80 5.12 6.26 40.67
CA THR B 80 5.31 5.60 41.96
C THR B 80 6.79 5.67 42.48
N VAL B 81 6.89 5.57 43.79
CA VAL B 81 8.08 5.30 44.49
C VAL B 81 8.63 3.93 44.22
N ASP B 82 7.76 2.93 44.25
CA ASP B 82 8.19 1.54 43.99
C ASP B 82 7.91 1.25 42.51
N THR B 83 8.80 0.51 41.87
CA THR B 83 8.61 0.10 40.47
C THR B 83 7.97 -1.26 40.46
N TYR B 84 6.93 -1.44 39.65
CA TYR B 84 6.25 -2.72 39.52
C TYR B 84 6.41 -3.26 38.10
N VAL B 85 6.33 -4.57 37.97
CA VAL B 85 6.33 -5.18 36.64
C VAL B 85 5.01 -4.79 35.99
N PRO B 86 5.06 -4.15 34.81
CA PRO B 86 3.79 -3.76 34.15
C PRO B 86 2.98 -4.98 33.69
N TYR B 87 1.67 -4.82 33.70
CA TYR B 87 0.76 -5.82 33.14
C TYR B 87 0.94 -5.82 31.64
N PRO B 88 0.94 -7.01 31.02
CA PRO B 88 0.82 -7.05 29.56
C PRO B 88 -0.45 -6.39 29.13
N ILE B 89 -0.43 -5.83 27.92
CA ILE B 89 -1.62 -5.22 27.36
C ILE B 89 -2.08 -6.13 26.24
N GLU B 90 -3.30 -6.65 26.32
CA GLU B 90 -3.79 -7.64 25.35
C GLU B 90 -4.91 -6.96 24.60
N VAL B 91 -4.78 -6.92 23.27
CA VAL B 91 -5.71 -6.17 22.44
C VAL B 91 -6.38 -7.12 21.45
N GLN B 92 -7.70 -7.08 21.34
CA GLN B 92 -8.40 -7.85 20.30
C GLN B 92 -8.07 -7.32 18.90
N VAL B 93 -7.68 -8.24 18.04
CA VAL B 93 -7.37 -7.98 16.62
C VAL B 93 -8.17 -8.96 15.79
N GLY B 94 -8.96 -8.44 14.85
CA GLY B 94 -9.73 -9.27 13.99
C GLY B 94 -8.90 -10.08 13.03
N GLY B 95 -9.54 -11.01 12.34
CA GLY B 95 -8.83 -11.81 11.32
C GLY B 95 -8.43 -10.96 10.13
N ALA B 96 -9.34 -10.15 9.68
CA ALA B 96 -9.11 -9.28 8.51
C ALA B 96 -10.05 -8.11 8.46
N THR B 97 -9.50 -6.95 8.08
CA THR B 97 -10.27 -5.77 7.73
C THR B 97 -10.14 -5.59 6.22
N VAL B 98 -11.28 -5.64 5.53
CA VAL B 98 -11.30 -5.73 4.08
C VAL B 98 -12.14 -4.63 3.44
N PHE B 99 -11.54 -3.91 2.47
CA PHE B 99 -12.21 -2.97 1.63
C PHE B 99 -12.21 -3.46 0.20
N VAL B 100 -13.38 -3.47 -0.42
CA VAL B 100 -13.50 -3.85 -1.83
C VAL B 100 -13.81 -2.58 -2.62
N MET B 101 -12.94 -2.22 -3.56
N MET B 101 -12.89 -2.17 -3.49
CA MET B 101 -13.01 -0.95 -4.26
CA MET B 101 -13.01 -0.90 -4.24
C MET B 101 -13.33 -1.14 -5.75
C MET B 101 -13.36 -1.15 -5.72
N PRO B 102 -14.14 -0.25 -6.33
CA PRO B 102 -14.39 -0.33 -7.75
C PRO B 102 -13.21 0.07 -8.61
N VAL B 103 -12.96 -0.69 -9.69
CA VAL B 103 -11.92 -0.42 -10.68
C VAL B 103 -12.56 0.15 -11.93
N GLU B 104 -12.04 1.26 -12.39
CA GLU B 104 -12.50 1.82 -13.64
C GLU B 104 -11.90 1.13 -14.85
N SER B 105 -10.61 0.89 -14.83
CA SER B 105 -9.97 0.18 -15.92
C SER B 105 -8.75 -0.57 -15.45
N PHE B 106 -8.41 -1.62 -16.20
CA PHE B 106 -7.28 -2.50 -15.90
C PHE B 106 -6.37 -2.54 -17.13
N HIS B 107 -5.06 -2.50 -16.90
CA HIS B 107 -4.07 -2.71 -17.96
C HIS B 107 -2.96 -3.63 -17.52
N HIS B 108 -2.51 -4.50 -18.42
CA HIS B 108 -1.36 -5.34 -18.17
C HIS B 108 -0.37 -5.15 -19.30
N PHE B 109 0.66 -4.36 -19.03
CA PHE B 109 1.52 -3.92 -20.07
C PHE B 109 2.64 -4.95 -20.19
N LEU B 110 2.83 -5.40 -21.40
CA LEU B 110 3.76 -6.45 -21.68
C LEU B 110 4.75 -6.03 -22.76
N GLU B 111 5.13 -4.75 -22.79
CA GLU B 111 6.09 -4.30 -23.81
C GLU B 111 7.51 -4.71 -23.45
N HIS B 112 8.31 -4.94 -24.49
CA HIS B 112 9.69 -5.34 -24.32
C HIS B 112 10.60 -4.27 -24.90
N MET C 1 -19.43 3.47 2.82
CA MET C 1 -18.01 3.62 3.31
C MET C 1 -17.17 4.26 2.20
N LYS C 2 -16.14 4.97 2.65
CA LYS C 2 -15.12 5.49 1.76
C LYS C 2 -13.75 5.09 2.28
N LEU C 3 -12.77 5.10 1.39
CA LEU C 3 -11.39 4.78 1.73
C LEU C 3 -10.51 5.93 1.40
N ILE C 4 -9.92 6.55 2.42
CA ILE C 4 -9.11 7.74 2.26
C ILE C 4 -7.63 7.28 2.20
N PHE C 5 -6.94 7.76 1.16
CA PHE C 5 -5.48 7.67 1.03
C PHE C 5 -4.92 9.04 1.30
N ALA C 6 -4.10 9.17 2.35
CA ALA C 6 -3.54 10.48 2.71
C ALA C 6 -2.03 10.36 2.83
N ILE C 7 -1.32 11.12 2.00
CA ILE C 7 0.10 11.08 1.97
C ILE C 7 0.59 12.24 2.82
N VAL C 8 1.29 11.92 3.92
CA VAL C 8 1.71 12.89 4.93
C VAL C 8 3.17 12.76 5.24
N GLN C 9 3.73 13.80 5.81
CA GLN C 9 5.15 13.74 6.18
C GLN C 9 5.41 12.87 7.39
N ASP C 10 6.59 12.25 7.43
CA ASP C 10 6.88 11.34 8.51
C ASP C 10 6.78 12.04 9.89
N GLN C 11 7.08 13.32 9.95
CA GLN C 11 7.12 13.95 11.25
C GLN C 11 5.76 14.26 11.83
N ASP C 12 4.74 14.14 10.98
CA ASP C 12 3.32 14.23 11.40
C ASP C 12 2.60 12.88 11.64
N SER C 13 3.26 11.79 11.34
CA SER C 13 2.62 10.47 11.30
C SER C 13 2.12 10.05 12.68
N ASN C 14 2.95 10.15 13.70
CA ASN C 14 2.54 9.71 15.03
C ASN C 14 1.41 10.55 15.62
N ARG C 15 1.51 11.86 15.45
CA ARG C 15 0.47 12.75 15.89
C ARG C 15 -0.86 12.47 15.17
N LEU C 16 -0.79 12.30 13.85
CA LEU C 16 -1.97 11.94 13.09
C LEU C 16 -2.57 10.61 13.55
N SER C 17 -1.75 9.59 13.71
CA SER C 17 -2.23 8.31 14.18
C SER C 17 -2.95 8.50 15.51
N ASP C 18 -2.34 9.22 16.43
CA ASP C 18 -3.01 9.42 17.72
C ASP C 18 -4.31 10.19 17.63
N ALA C 19 -4.38 11.22 16.79
CA ALA C 19 -5.62 11.98 16.62
C ALA C 19 -6.75 11.22 15.97
N LEU C 20 -6.38 10.35 15.02
CA LEU C 20 -7.39 9.51 14.43
C LEU C 20 -7.98 8.56 15.47
N THR C 21 -7.11 7.93 16.25
CA THR C 21 -7.55 7.04 17.35
C THR C 21 -8.44 7.80 18.35
N LYS C 22 -7.99 9.00 18.73
CA LYS C 22 -8.82 9.82 19.65
C LYS C 22 -10.19 10.14 19.05
N GLY C 23 -10.23 10.35 17.71
CA GLY C 23 -11.46 10.53 17.00
C GLY C 23 -12.27 9.32 16.61
N ASN C 24 -11.87 8.15 17.07
CA ASN C 24 -12.53 6.90 16.84
C ASN C 24 -12.54 6.50 15.36
N PHE C 25 -11.40 6.69 14.72
CA PHE C 25 -11.17 6.23 13.34
C PHE C 25 -10.10 5.15 13.35
N GLY C 26 -10.24 4.16 12.47
CA GLY C 26 -9.17 3.18 12.26
C GLY C 26 -8.27 3.65 11.10
N ALA C 27 -7.05 3.12 11.07
CA ALA C 27 -6.09 3.52 10.07
C ALA C 27 -5.01 2.49 9.91
N THR C 28 -4.44 2.42 8.72
CA THR C 28 -3.28 1.60 8.42
C THR C 28 -2.24 2.50 7.75
N LYS C 29 -0.95 2.28 8.03
CA LYS C 29 0.08 3.13 7.47
C LYS C 29 1.09 2.35 6.63
N LEU C 30 1.50 2.98 5.53
CA LEU C 30 2.42 2.42 4.53
C LEU C 30 3.65 3.34 4.55
N ALA C 31 4.86 2.76 4.62
CA ALA C 31 6.06 3.57 4.52
C ALA C 31 6.40 3.74 3.03
N THR C 32 6.30 4.97 2.53
CA THR C 32 6.34 5.25 1.14
C THR C 32 7.48 6.22 0.85
N THR C 33 7.64 6.53 -0.44
N THR C 33 7.71 6.50 -0.42
CA THR C 33 8.63 7.49 -0.94
CA THR C 33 8.60 7.61 -0.79
C THR C 33 7.94 8.45 -1.92
C THR C 33 7.98 8.45 -1.90
N GLY C 34 8.25 9.76 -1.84
CA GLY C 34 7.73 10.72 -2.81
C GLY C 34 8.57 10.70 -4.07
N GLY C 35 7.92 10.85 -5.21
CA GLY C 35 8.59 10.91 -6.46
C GLY C 35 9.53 12.09 -6.68
N PHE C 36 9.16 13.27 -6.19
CA PHE C 36 9.93 14.48 -6.53
C PHE C 36 11.18 14.63 -5.66
N LEU C 37 11.03 14.52 -4.34
CA LEU C 37 12.18 14.66 -3.43
C LEU C 37 12.88 13.33 -3.19
N LYS C 38 12.24 12.25 -3.61
CA LYS C 38 12.79 10.91 -3.41
C LYS C 38 13.08 10.64 -1.95
N ALA C 39 12.18 11.05 -1.07
CA ALA C 39 12.42 10.96 0.37
C ALA C 39 11.27 10.20 1.05
N GLY C 40 11.51 9.64 2.23
CA GLY C 40 10.49 8.84 2.89
C GLY C 40 9.34 9.68 3.41
N ASN C 41 8.13 9.19 3.22
CA ASN C 41 6.95 9.79 3.80
C ASN C 41 6.01 8.64 4.20
N THR C 42 4.80 8.98 4.62
CA THR C 42 3.86 7.98 5.14
C THR C 42 2.53 8.12 4.43
N THR C 43 2.00 6.99 3.98
CA THR C 43 0.68 6.99 3.37
C THR C 43 -0.28 6.33 4.32
N PHE C 44 -1.32 7.05 4.73
CA PHE C 44 -2.34 6.48 5.57
C PHE C 44 -3.47 6.00 4.70
N ILE C 45 -4.07 4.88 5.11
CA ILE C 45 -5.26 4.36 4.53
C ILE C 45 -6.29 4.32 5.62
N ILE C 46 -7.34 5.12 5.46
CA ILE C 46 -8.31 5.31 6.52
C ILE C 46 -9.71 5.07 5.99
N GLY C 47 -10.31 3.96 6.38
CA GLY C 47 -11.66 3.65 5.92
C GLY C 47 -12.69 4.19 6.89
N THR C 48 -13.71 4.86 6.40
N THR C 48 -13.74 4.81 6.36
CA THR C 48 -14.71 5.32 7.34
CA THR C 48 -14.62 5.66 7.16
C THR C 48 -16.06 5.45 6.69
C THR C 48 -16.06 5.52 6.64
N GLU C 49 -17.05 5.61 7.54
CA GLU C 49 -18.41 5.77 7.13
C GLU C 49 -18.59 7.08 6.28
N ASP C 50 -19.47 7.03 5.27
CA ASP C 50 -19.69 8.16 4.41
C ASP C 50 -19.85 9.47 5.20
N GLU C 51 -20.67 9.42 6.25
CA GLU C 51 -21.05 10.60 6.96
C GLU C 51 -19.91 11.12 7.84
N ARG C 52 -18.83 10.32 8.02
CA ARG C 52 -17.69 10.76 8.81
C ARG C 52 -16.45 11.18 8.00
N VAL C 53 -16.57 11.18 6.69
CA VAL C 53 -15.40 11.52 5.84
C VAL C 53 -14.90 12.93 6.12
N GLU C 54 -15.82 13.87 6.26
CA GLU C 54 -15.39 15.24 6.49
C GLU C 54 -14.77 15.45 7.86
N ASP C 55 -15.19 14.68 8.86
CA ASP C 55 -14.57 14.67 10.16
C ASP C 55 -13.15 14.07 10.12
N ALA C 56 -12.95 13.01 9.33
CA ALA C 56 -11.61 12.47 9.19
C ALA C 56 -10.69 13.48 8.49
N LEU C 57 -11.18 14.08 7.43
CA LEU C 57 -10.43 15.14 6.68
C LEU C 57 -10.07 16.30 7.60
N ALA C 58 -10.94 16.65 8.52
CA ALA C 58 -10.67 17.72 9.50
C ALA C 58 -9.53 17.35 10.43
N ILE C 59 -9.51 16.11 10.88
CA ILE C 59 -8.46 15.63 11.74
C ILE C 59 -7.14 15.65 10.96
N ILE C 60 -7.17 15.23 9.69
CA ILE C 60 -5.96 15.23 8.88
C ILE C 60 -5.45 16.68 8.71
N LYS C 61 -6.35 17.56 8.39
CA LYS C 61 -5.98 18.96 8.09
C LYS C 61 -5.40 19.61 9.36
N GLU C 62 -5.98 19.26 10.49
CA GLU C 62 -5.62 19.86 11.78
C GLU C 62 -4.28 19.35 12.32
N ASN C 63 -3.86 18.16 11.91
CA ASN C 63 -2.74 17.50 12.51
C ASN C 63 -1.51 17.38 11.60
N CYS C 64 -1.64 17.91 10.40
CA CYS C 64 -0.57 17.79 9.40
C CYS C 64 -0.22 19.19 8.92
N LYS C 65 1.07 19.51 8.87
CA LYS C 65 1.48 20.87 8.63
C LYS C 65 2.29 20.96 7.36
N ALA C 66 2.06 21.99 6.57
CA ALA C 66 2.93 22.25 5.41
C ALA C 66 4.32 22.71 5.90
N ARG C 67 5.38 22.14 5.31
CA ARG C 67 6.77 22.51 5.65
C ARG C 67 7.60 22.76 4.40
N GLU C 68 8.53 23.70 4.48
CA GLU C 68 9.49 23.86 3.43
C GLU C 68 10.61 22.85 3.57
N GLN C 69 10.95 22.22 2.44
CA GLN C 69 12.08 21.33 2.34
C GLN C 69 13.02 21.71 1.21
N MET C 70 14.31 21.62 1.49
CA MET C 70 15.33 22.09 0.58
C MET C 70 15.56 21.06 -0.52
N MET C 71 15.71 21.56 -1.74
CA MET C 71 16.29 20.74 -2.81
C MET C 71 17.73 20.37 -2.50
N THR C 72 18.09 19.12 -2.79
CA THR C 72 19.48 18.70 -2.68
C THR C 72 19.85 17.97 -3.96
N PRO C 73 21.13 17.60 -4.10
CA PRO C 73 21.57 16.99 -5.37
C PRO C 73 21.49 15.46 -5.37
N THR C 83 30.16 21.91 -7.54
CA THR C 83 31.42 22.35 -6.93
C THR C 83 31.20 23.29 -5.71
N TYR C 84 29.95 23.40 -5.25
CA TYR C 84 29.61 24.29 -4.15
C TYR C 84 28.23 23.92 -3.59
N VAL C 85 27.91 24.37 -2.37
CA VAL C 85 26.56 24.37 -1.80
C VAL C 85 25.86 25.63 -2.32
N PRO C 86 24.81 25.44 -3.10
CA PRO C 86 24.18 26.57 -3.76
C PRO C 86 23.24 27.33 -2.84
N TYR C 87 22.94 28.55 -3.22
CA TYR C 87 21.87 29.30 -2.57
C TYR C 87 20.69 28.33 -2.44
N PRO C 88 20.11 28.23 -1.25
CA PRO C 88 19.02 27.27 -1.06
C PRO C 88 17.80 27.54 -1.92
N ILE C 89 17.23 26.44 -2.42
CA ILE C 89 15.97 26.44 -3.12
C ILE C 89 15.05 25.44 -2.44
N GLU C 90 13.83 25.88 -2.19
CA GLU C 90 12.86 25.15 -1.37
C GLU C 90 11.74 24.59 -2.25
N VAL C 91 11.03 23.56 -1.72
CA VAL C 91 9.64 23.26 -2.11
C VAL C 91 8.76 23.22 -0.88
N GLN C 92 7.48 23.49 -1.03
CA GLN C 92 6.56 23.49 0.11
C GLN C 92 5.82 22.16 0.13
N VAL C 93 6.20 21.32 1.05
CA VAL C 93 5.60 19.98 1.15
C VAL C 93 4.29 20.21 1.89
N GLY C 94 3.17 19.78 1.31
CA GLY C 94 1.88 20.01 1.93
C GLY C 94 1.71 19.17 3.19
N GLY C 95 0.75 19.55 4.03
CA GLY C 95 0.37 18.73 5.18
C GLY C 95 -0.09 17.35 4.72
N ALA C 96 -0.89 17.33 3.64
CA ALA C 96 -1.43 16.09 3.16
C ALA C 96 -1.95 16.22 1.78
N THR C 97 -1.70 15.17 0.99
CA THR C 97 -2.32 14.98 -0.33
C THR C 97 -3.28 13.82 -0.14
N VAL C 98 -4.56 14.07 -0.42
CA VAL C 98 -5.62 13.17 0.08
C VAL C 98 -6.60 12.78 -1.06
N PHE C 99 -6.73 11.47 -1.31
CA PHE C 99 -7.68 10.95 -2.22
C PHE C 99 -8.77 10.17 -1.49
N VAL C 100 -10.01 10.54 -1.70
CA VAL C 100 -11.15 9.84 -1.10
C VAL C 100 -11.81 8.97 -2.15
N MET C 101 -11.78 7.67 -1.89
CA MET C 101 -12.18 6.64 -2.88
C MET C 101 -13.47 5.94 -2.42
N PRO C 102 -14.36 5.64 -3.36
CA PRO C 102 -15.54 4.86 -3.07
C PRO C 102 -15.23 3.40 -2.71
N VAL C 103 -16.03 2.84 -1.80
CA VAL C 103 -15.90 1.47 -1.34
C VAL C 103 -17.18 0.77 -1.72
N GLU C 104 -17.07 -0.35 -2.45
CA GLU C 104 -18.27 -1.14 -2.83
C GLU C 104 -18.76 -1.96 -1.65
N SER C 105 -17.85 -2.54 -0.88
CA SER C 105 -18.21 -3.30 0.32
C SER C 105 -17.11 -3.37 1.31
N PHE C 106 -17.49 -3.58 2.57
CA PHE C 106 -16.56 -3.66 3.68
C PHE C 106 -16.82 -4.95 4.46
N HIS C 107 -15.76 -5.58 4.97
CA HIS C 107 -15.88 -6.79 5.79
C HIS C 107 -14.89 -6.73 6.90
N HIS C 108 -15.32 -7.18 8.08
CA HIS C 108 -14.45 -7.34 9.21
C HIS C 108 -14.65 -8.75 9.75
N PHE C 109 -13.68 -9.61 9.48
CA PHE C 109 -13.77 -11.04 9.78
C PHE C 109 -13.26 -11.30 11.18
N LEU C 110 -14.15 -11.82 12.03
CA LEU C 110 -13.88 -11.94 13.45
C LEU C 110 -13.83 -13.43 13.93
N GLU C 111 -13.83 -14.39 13.02
CA GLU C 111 -13.67 -15.84 13.42
C GLU C 111 -12.32 -16.16 14.11
N HIS C 112 -12.37 -16.85 15.26
CA HIS C 112 -11.14 -17.32 15.93
C HIS C 112 -11.10 -18.84 16.03
#